data_8CTP
#
_entry.id   8CTP
#
_cell.length_a   72.725
_cell.length_b   73.000
_cell.length_c   87.482
_cell.angle_alpha   90.000
_cell.angle_beta   90.000
_cell.angle_gamma   90.000
#
_symmetry.space_group_name_H-M   'P 21 21 21'
#
loop_
_entity.id
_entity.type
_entity.pdbx_description
1 polymer 'Phospholipase D'
2 non-polymer 'PHOSPHATE ION'
3 water water
#
_entity_poly.entity_id   1
_entity_poly.type   'polypeptide(L)'
_entity_poly.pdbx_seq_one_letter_code
;GPGSGGSADSATPHLDAVEQTLRQVSPGLEGDVWERTSGNKLDGSAADPSDWLLQTPGCWGDDKCADRVGTKRLLAKMTE
NIGNATRTVDISTLAPFPNGAFQDAIVAGLKESAAKGNKLKVRILVGAAPVYHMNVMPSKYRDELTAKLGKAAENITLNV
ASMTTSKTAFSWNHSKILVVDGQSALTGGINSWKDDYLDTTHPVSDVDLALTGPAAGSAGRYLDTLWTWTCQNKSNIASV
WFAASGNAGCMATMHKDTNPKASPATGNVPVIAVGGLGVGIKDVDPKSTFRPDLPTASDTKCVVGLHDNTNADRDYDTVN
PEESALRALVASAKSHIEISQQDLNATCPPLPRYDIRLYDALAAKMAAGVKVRIVVSDPANRGAVGSVGYSQIKSLSEIS
DTLRNRLANITGSQQAAKTAMCSNLQLATFRSSPNDKWADGHPYAQHHKLVSVDSSTFYIGSKNLYPSWLQDFGYIVESP
EAAKQLDAKLLDPQWKYSQETATVDYARGICNA
;
_entity_poly.pdbx_strand_id   A
#
loop_
_chem_comp.id
_chem_comp.type
_chem_comp.name
_chem_comp.formula
PO4 non-polymer 'PHOSPHATE ION' 'O4 P -3'
#
# COMPACT_ATOMS: atom_id res chain seq x y z
N SER A 7 16.21 20.03 -27.81
CA SER A 7 15.72 19.81 -26.42
C SER A 7 15.52 18.31 -26.18
N ALA A 8 15.65 17.91 -24.91
CA ALA A 8 15.48 16.52 -24.52
C ALA A 8 14.08 16.30 -23.96
N ASP A 9 13.55 15.10 -24.21
CA ASP A 9 12.19 14.73 -23.83
C ASP A 9 12.25 13.71 -22.71
N SER A 10 11.55 13.99 -21.62
CA SER A 10 11.65 13.12 -20.46
C SER A 10 11.12 11.74 -20.76
N ALA A 11 11.76 10.72 -20.19
CA ALA A 11 11.16 9.39 -20.26
C ALA A 11 10.25 9.08 -19.06
N THR A 12 10.14 9.98 -18.11
CA THR A 12 9.36 9.71 -16.89
C THR A 12 8.34 10.83 -16.68
N PRO A 13 7.50 11.13 -17.68
CA PRO A 13 6.58 12.26 -17.51
C PRO A 13 5.62 12.14 -16.34
N HIS A 14 5.20 10.92 -15.99
CA HIS A 14 4.25 10.79 -14.90
C HIS A 14 4.93 11.04 -13.55
N LEU A 15 6.08 10.40 -13.32
CA LEU A 15 6.81 10.67 -12.09
C LEU A 15 7.19 12.14 -12.01
N ASP A 16 7.59 12.74 -13.16
CA ASP A 16 7.97 14.15 -13.12
C ASP A 16 6.84 14.98 -12.51
N ALA A 17 5.60 14.66 -12.91
CA ALA A 17 4.43 15.41 -12.47
C ALA A 17 4.16 15.17 -11.00
N VAL A 18 4.16 13.93 -10.58
CA VAL A 18 3.95 13.61 -9.18
C VAL A 18 5.04 14.26 -8.33
N GLU A 19 6.29 14.14 -8.77
CA GLU A 19 7.41 14.74 -8.03
C GLU A 19 7.20 16.24 -7.82
N GLN A 20 6.85 16.94 -8.88
CA GLN A 20 6.61 18.38 -8.81
C GLN A 20 5.52 18.72 -7.78
N THR A 21 4.47 17.90 -7.68
CA THR A 21 3.43 18.14 -6.70
C THR A 21 3.94 17.86 -5.28
N LEU A 22 4.73 16.80 -5.12
CA LEU A 22 5.20 16.45 -3.78
C LEU A 22 6.14 17.52 -3.26
N ARG A 23 6.94 18.11 -4.14
CA ARG A 23 7.83 19.17 -3.69
C ARG A 23 7.07 20.44 -3.33
N GLN A 24 5.91 20.67 -3.93
CA GLN A 24 5.07 21.80 -3.54
C GLN A 24 4.42 21.55 -2.18
N VAL A 25 3.91 20.34 -1.97
CA VAL A 25 3.09 20.05 -0.80
C VAL A 25 3.95 19.73 0.43
N SER A 26 5.00 18.91 0.26
CA SER A 26 5.77 18.39 1.39
C SER A 26 7.29 18.47 1.17
N PRO A 27 7.80 19.66 0.83
CA PRO A 27 9.23 19.75 0.52
C PRO A 27 10.13 19.35 1.67
N GLY A 28 9.73 19.64 2.90
CA GLY A 28 10.56 19.33 4.05
C GLY A 28 10.56 17.85 4.43
N LEU A 29 9.69 17.05 3.84
CA LEU A 29 9.60 15.63 4.11
C LEU A 29 10.30 14.81 3.02
N GLU A 30 10.87 15.45 2.02
CA GLU A 30 11.60 14.71 0.99
C GLU A 30 12.83 14.04 1.59
N GLY A 31 12.99 12.75 1.32
CA GLY A 31 14.02 11.97 1.90
C GLY A 31 13.54 11.06 3.02
N ASP A 32 12.52 11.45 3.75
CA ASP A 32 12.05 10.67 4.89
C ASP A 32 10.66 10.09 4.70
N VAL A 33 9.68 10.89 4.30
CA VAL A 33 8.33 10.37 4.08
C VAL A 33 8.00 10.15 2.61
N TRP A 34 8.71 10.81 1.69
CA TRP A 34 8.62 10.51 0.26
C TRP A 34 10.01 10.73 -0.34
N GLU A 35 10.27 10.04 -1.45
CA GLU A 35 11.53 10.22 -2.12
C GLU A 35 11.46 9.58 -3.51
N ARG A 36 12.00 10.29 -4.49
CA ARG A 36 12.18 9.76 -5.85
C ARG A 36 13.59 9.20 -5.97
N THR A 37 13.72 7.96 -6.47
CA THR A 37 15.03 7.37 -6.72
C THR A 37 15.04 6.75 -8.10
N SER A 38 16.22 6.74 -8.70
CA SER A 38 16.57 6.00 -9.90
C SER A 38 17.32 4.71 -9.53
N GLY A 39 17.41 3.80 -10.49
CA GLY A 39 18.30 2.68 -10.31
C GLY A 39 17.78 1.53 -9.47
N ASN A 40 16.47 1.33 -9.46
CA ASN A 40 15.87 0.20 -8.78
C ASN A 40 15.67 -0.99 -9.69
N LYS A 41 15.43 -2.15 -9.08
CA LYS A 41 15.13 -3.37 -9.82
C LYS A 41 13.90 -4.04 -9.24
N LEU A 42 12.93 -4.31 -10.11
CA LEU A 42 11.76 -5.07 -9.70
C LEU A 42 12.19 -6.52 -9.51
N ASP A 43 11.97 -7.05 -8.31
CA ASP A 43 12.75 -8.19 -7.83
C ASP A 43 12.02 -9.48 -8.13
N GLY A 44 12.05 -9.83 -9.41
CA GLY A 44 11.49 -11.07 -9.91
C GLY A 44 12.61 -11.94 -10.43
N SER A 45 12.55 -13.23 -10.08
CA SER A 45 13.54 -14.23 -10.48
C SER A 45 13.72 -14.37 -11.99
N ALA A 46 14.64 -15.26 -12.40
CA ALA A 46 14.93 -15.48 -13.81
C ALA A 46 13.88 -16.35 -14.48
N ALA A 47 13.47 -17.43 -13.81
CA ALA A 47 12.38 -18.25 -14.32
C ALA A 47 11.17 -17.37 -14.65
N ASP A 48 10.75 -16.54 -13.70
CA ASP A 48 9.60 -15.66 -13.88
C ASP A 48 10.07 -14.21 -13.79
N PRO A 49 10.21 -13.52 -14.93
CA PRO A 49 10.60 -12.10 -14.86
C PRO A 49 9.59 -11.27 -14.08
N SER A 50 8.33 -11.69 -14.08
CA SER A 50 7.24 -10.86 -13.62
C SER A 50 6.84 -11.11 -12.17
N ASP A 51 7.57 -11.92 -11.41
CA ASP A 51 7.06 -12.22 -10.08
C ASP A 51 7.57 -11.24 -9.00
N TRP A 52 8.07 -10.08 -9.41
CA TRP A 52 8.05 -8.92 -8.53
C TRP A 52 6.63 -8.58 -8.12
N LEU A 53 5.67 -8.96 -8.95
CA LEU A 53 4.25 -8.68 -8.74
C LEU A 53 3.67 -9.82 -7.92
N LEU A 54 3.50 -9.59 -6.63
CA LEU A 54 3.09 -10.61 -5.68
C LEU A 54 1.59 -10.49 -5.46
N GLN A 55 0.82 -10.99 -6.43
CA GLN A 55 -0.63 -11.00 -6.26
C GLN A 55 -1.07 -12.29 -5.62
N THR A 56 -2.08 -12.20 -4.77
CA THR A 56 -2.64 -13.31 -4.00
C THR A 56 -4.14 -13.35 -4.24
N PRO A 57 -4.74 -14.55 -4.32
CA PRO A 57 -4.14 -15.89 -4.34
C PRO A 57 -3.43 -16.19 -5.67
N GLY A 58 -3.78 -15.50 -6.75
CA GLY A 58 -3.16 -15.72 -8.04
C GLY A 58 -3.95 -16.60 -8.99
N CYS A 59 -5.12 -17.07 -8.56
CA CYS A 59 -6.03 -17.82 -9.43
C CYS A 59 -6.76 -16.88 -10.38
N TRP A 60 -7.16 -17.41 -11.52
CA TRP A 60 -8.07 -16.71 -12.42
C TRP A 60 -8.81 -17.78 -13.22
N GLY A 61 -10.12 -17.60 -13.40
CA GLY A 61 -10.92 -18.53 -14.18
C GLY A 61 -11.33 -19.80 -13.46
N ASP A 62 -11.21 -19.82 -12.13
CA ASP A 62 -11.42 -21.02 -11.32
C ASP A 62 -12.13 -20.62 -10.04
N ASP A 63 -13.42 -20.94 -9.94
CA ASP A 63 -14.17 -20.60 -8.72
C ASP A 63 -13.80 -21.48 -7.54
N LYS A 64 -12.81 -22.37 -7.68
CA LYS A 64 -12.28 -23.14 -6.56
C LYS A 64 -10.86 -22.73 -6.17
N CYS A 65 -10.18 -21.92 -6.98
CA CYS A 65 -8.85 -21.40 -6.68
C CYS A 65 -7.83 -22.50 -6.40
N ALA A 66 -7.69 -23.40 -7.37
CA ALA A 66 -6.72 -24.47 -7.24
C ALA A 66 -5.29 -23.93 -7.21
N ASP A 67 -5.02 -22.91 -8.03
CA ASP A 67 -3.67 -22.44 -8.32
C ASP A 67 -3.31 -21.37 -7.29
N ARG A 68 -2.71 -21.80 -6.18
CA ARG A 68 -2.25 -20.89 -5.14
C ARG A 68 -0.76 -20.55 -5.27
N VAL A 69 -0.26 -20.45 -6.51
CA VAL A 69 1.16 -20.18 -6.71
C VAL A 69 1.55 -18.84 -6.12
N GLY A 70 0.64 -17.86 -6.17
CA GLY A 70 0.94 -16.54 -5.65
C GLY A 70 1.15 -16.53 -4.15
N THR A 71 0.29 -17.23 -3.41
CA THR A 71 0.46 -17.28 -1.96
C THR A 71 1.73 -18.03 -1.59
N LYS A 72 2.01 -19.16 -2.24
CA LYS A 72 3.25 -19.87 -1.96
C LYS A 72 4.45 -18.98 -2.21
N ARG A 73 4.42 -18.21 -3.31
CA ARG A 73 5.54 -17.36 -3.70
C ARG A 73 5.78 -16.24 -2.69
N LEU A 74 4.71 -15.68 -2.15
CA LEU A 74 4.84 -14.60 -1.20
C LEU A 74 5.59 -15.05 0.04
N LEU A 75 5.23 -16.22 0.59
CA LEU A 75 5.87 -16.71 1.81
C LEU A 75 7.32 -17.10 1.54
N ALA A 76 7.58 -17.71 0.39
CA ALA A 76 8.96 -18.03 0.02
C ALA A 76 9.82 -16.78 -0.08
N LYS A 77 9.26 -15.70 -0.64
CA LYS A 77 10.03 -14.46 -0.83
C LYS A 77 10.32 -13.79 0.51
N MET A 78 9.32 -13.75 1.40
CA MET A 78 9.56 -13.29 2.76
C MET A 78 10.71 -14.05 3.40
N THR A 79 10.58 -15.38 3.44
CA THR A 79 11.63 -16.18 4.06
C THR A 79 12.97 -15.94 3.37
N GLU A 80 12.99 -15.91 2.03
CA GLU A 80 14.26 -15.77 1.32
C GLU A 80 14.90 -14.43 1.64
N ASN A 81 14.12 -13.34 1.54
CA ASN A 81 14.67 -12.02 1.78
C ASN A 81 15.23 -11.90 3.19
N ILE A 82 14.49 -12.39 4.17
CA ILE A 82 14.97 -12.35 5.55
C ILE A 82 16.18 -13.27 5.75
N GLY A 83 16.16 -14.44 5.11
CA GLY A 83 17.31 -15.34 5.20
C GLY A 83 18.61 -14.77 4.66
N ASN A 84 18.52 -13.76 3.78
CA ASN A 84 19.70 -13.10 3.25
C ASN A 84 20.07 -11.84 4.01
N ALA A 85 19.43 -11.59 5.14
CA ALA A 85 19.81 -10.44 5.95
C ALA A 85 21.20 -10.70 6.54
N THR A 86 22.03 -9.64 6.51
CA THR A 86 23.25 -9.62 7.28
C THR A 86 23.26 -8.55 8.37
N ARG A 87 22.31 -7.60 8.36
CA ARG A 87 22.35 -6.52 9.34
C ARG A 87 20.99 -6.22 9.99
N THR A 88 19.95 -6.01 9.19
CA THR A 88 18.72 -5.47 9.75
C THR A 88 17.50 -6.05 9.03
N VAL A 89 16.42 -6.23 9.80
CA VAL A 89 15.12 -6.66 9.32
C VAL A 89 14.11 -5.67 9.90
N ASP A 90 13.28 -5.06 9.06
CA ASP A 90 12.41 -3.94 9.46
C ASP A 90 11.01 -4.24 8.95
N ILE A 91 10.05 -4.42 9.88
CA ILE A 91 8.67 -4.87 9.56
C ILE A 91 7.66 -3.90 10.17
N SER A 92 6.66 -3.51 9.38
CA SER A 92 5.46 -2.84 9.88
C SER A 92 4.22 -3.52 9.31
N THR A 93 3.16 -3.54 10.13
CA THR A 93 1.85 -3.94 9.67
C THR A 93 0.77 -3.31 10.57
N LEU A 94 -0.47 -3.59 10.21
CA LEU A 94 -1.59 -3.43 11.13
C LEU A 94 -1.59 -4.54 12.16
N ALA A 95 -1.98 -4.22 13.39
CA ALA A 95 -2.14 -5.24 14.41
C ALA A 95 -3.14 -6.27 13.87
N PRO A 96 -3.01 -7.55 14.28
CA PRO A 96 -2.13 -8.08 15.31
C PRO A 96 -0.69 -8.34 14.87
N PHE A 97 0.19 -8.66 15.83
CA PHE A 97 1.54 -9.01 15.49
C PHE A 97 1.52 -10.26 14.60
N PRO A 98 2.60 -10.52 13.86
CA PRO A 98 2.58 -11.65 12.94
C PRO A 98 2.19 -12.94 13.64
N ASN A 99 1.41 -13.74 12.93
CA ASN A 99 0.84 -14.98 13.40
C ASN A 99 0.87 -15.98 12.24
N GLY A 100 0.59 -17.24 12.57
CA GLY A 100 0.33 -18.22 11.52
C GLY A 100 1.45 -18.36 10.52
N ALA A 101 1.06 -18.46 9.25
CA ALA A 101 2.03 -18.66 8.18
C ALA A 101 3.04 -17.51 8.08
N PHE A 102 2.63 -16.28 8.43
CA PHE A 102 3.58 -15.17 8.33
C PHE A 102 4.65 -15.26 9.42
N GLN A 103 4.23 -15.56 10.65
CA GLN A 103 5.20 -15.82 11.71
C GLN A 103 6.14 -16.95 11.34
N ASP A 104 5.61 -18.00 10.70
CA ASP A 104 6.46 -19.12 10.29
C ASP A 104 7.53 -18.68 9.29
N ALA A 105 7.15 -17.81 8.35
CA ALA A 105 8.12 -17.35 7.36
C ALA A 105 9.18 -16.47 7.99
N ILE A 106 8.80 -15.66 8.99
CA ILE A 106 9.75 -14.79 9.67
C ILE A 106 10.76 -15.60 10.50
N VAL A 107 10.26 -16.57 11.26
CA VAL A 107 11.12 -17.40 12.10
C VAL A 107 12.07 -18.21 11.23
N ALA A 108 11.58 -18.76 10.12
CA ALA A 108 12.43 -19.55 9.24
C ALA A 108 13.50 -18.68 8.59
N GLY A 109 13.14 -17.44 8.23
CA GLY A 109 14.12 -16.55 7.63
C GLY A 109 15.17 -16.14 8.62
N LEU A 110 14.74 -15.83 9.84
CA LEU A 110 15.70 -15.40 10.85
C LEU A 110 16.62 -16.53 11.25
N LYS A 111 16.08 -17.74 11.38
CA LYS A 111 16.93 -18.90 11.61
C LYS A 111 17.93 -19.07 10.48
N GLU A 112 17.48 -18.91 9.23
CA GLU A 112 18.38 -19.09 8.11
C GLU A 112 19.52 -18.09 8.18
N SER A 113 19.21 -16.83 8.54
CA SER A 113 20.27 -15.81 8.61
C SER A 113 21.19 -16.05 9.80
N ALA A 114 20.62 -16.43 10.95
CA ALA A 114 21.43 -16.77 12.11
C ALA A 114 22.35 -17.96 11.86
N ALA A 115 21.93 -18.93 11.05
CA ALA A 115 22.77 -20.09 10.79
C ALA A 115 23.95 -19.77 9.90
N LYS A 116 23.88 -18.68 9.13
CA LYS A 116 25.00 -18.22 8.33
C LYS A 116 25.98 -17.35 9.13
N GLY A 117 25.72 -17.13 10.42
CA GLY A 117 26.66 -16.42 11.28
C GLY A 117 26.34 -14.95 11.50
N ASN A 118 25.16 -14.49 11.08
CA ASN A 118 24.82 -13.08 11.15
C ASN A 118 24.20 -12.73 12.50
N LYS A 119 24.57 -11.57 13.01
CA LYS A 119 23.82 -10.90 14.08
C LYS A 119 22.95 -9.82 13.46
N LEU A 120 21.69 -9.74 13.87
CA LEU A 120 20.74 -8.85 13.24
C LEU A 120 20.11 -7.93 14.26
N LYS A 121 19.74 -6.72 13.82
CA LYS A 121 18.76 -5.90 14.54
C LYS A 121 17.43 -6.05 13.83
N VAL A 122 16.36 -6.26 14.61
CA VAL A 122 15.01 -6.46 14.11
C VAL A 122 14.03 -5.52 14.79
N ARG A 123 13.24 -4.78 14.00
CA ARG A 123 12.14 -3.97 14.50
C ARG A 123 10.83 -4.50 13.94
N ILE A 124 9.82 -4.67 14.80
CA ILE A 124 8.49 -5.11 14.37
C ILE A 124 7.52 -4.10 14.96
N LEU A 125 6.85 -3.33 14.09
CA LEU A 125 5.96 -2.24 14.53
C LEU A 125 4.55 -2.46 14.01
N VAL A 126 3.55 -2.40 14.90
CA VAL A 126 2.17 -2.54 14.46
C VAL A 126 1.32 -1.39 14.95
N GLY A 127 0.31 -1.04 14.14
CA GLY A 127 -0.67 -0.03 14.52
C GLY A 127 -1.88 -0.71 15.15
N ALA A 128 -2.36 -0.16 16.25
CA ALA A 128 -3.52 -0.73 16.93
C ALA A 128 -4.66 0.28 16.92
N ALA A 129 -5.83 -0.20 16.58
CA ALA A 129 -7.06 0.55 16.83
C ALA A 129 -7.42 0.45 18.31
N PRO A 130 -7.67 1.57 18.99
CA PRO A 130 -8.12 1.51 20.38
C PRO A 130 -9.10 0.39 20.71
N VAL A 131 -9.99 0.06 19.78
CA VAL A 131 -10.94 -1.03 20.00
C VAL A 131 -10.22 -2.37 20.12
N TYR A 132 -9.07 -2.51 19.46
CA TYR A 132 -8.31 -3.75 19.40
C TYR A 132 -7.25 -3.89 20.49
N HIS A 133 -6.90 -2.78 21.16
CA HIS A 133 -5.65 -2.67 21.91
C HIS A 133 -5.28 -3.88 22.76
N MET A 134 -6.15 -4.34 23.66
CA MET A 134 -5.73 -5.37 24.62
C MET A 134 -5.09 -6.58 23.92
N ASN A 135 -5.62 -6.97 22.76
CA ASN A 135 -5.13 -8.18 22.11
C ASN A 135 -3.64 -8.10 21.80
N VAL A 136 -3.13 -6.91 21.49
CA VAL A 136 -1.73 -6.75 21.05
C VAL A 136 -0.87 -6.54 22.29
N MET A 137 -0.05 -7.55 22.63
CA MET A 137 0.84 -7.46 23.79
C MET A 137 2.30 -7.63 23.37
N PRO A 138 3.10 -6.56 23.30
CA PRO A 138 4.44 -6.72 22.68
C PRO A 138 5.40 -7.58 23.47
N SER A 139 5.35 -7.55 24.81
CA SER A 139 6.28 -8.40 25.55
C SER A 139 5.87 -9.87 25.45
N LYS A 140 4.58 -10.15 25.21
CA LYS A 140 4.14 -11.50 24.91
C LYS A 140 4.64 -11.94 23.54
N TYR A 141 4.44 -11.09 22.53
CA TYR A 141 4.93 -11.46 21.20
C TYR A 141 6.44 -11.64 21.23
N ARG A 142 7.15 -10.74 21.91
CA ARG A 142 8.61 -10.87 21.97
C ARG A 142 9.02 -12.23 22.52
N ASP A 143 8.39 -12.64 23.62
CA ASP A 143 8.70 -13.91 24.26
C ASP A 143 8.31 -15.10 23.38
N GLU A 144 7.23 -15.00 22.61
CA GLU A 144 6.84 -16.10 21.71
C GLU A 144 7.81 -16.23 20.55
N LEU A 145 8.26 -15.10 20.02
CA LEU A 145 9.19 -15.15 18.90
C LEU A 145 10.56 -15.66 19.36
N THR A 146 11.00 -15.18 20.53
CA THR A 146 12.24 -15.64 21.13
C THR A 146 12.22 -17.15 21.31
N ALA A 147 11.11 -17.67 21.83
CA ALA A 147 10.99 -19.10 22.07
C ALA A 147 11.07 -19.88 20.77
N LYS A 148 10.33 -19.46 19.75
CA LYS A 148 10.36 -20.19 18.49
C LYS A 148 11.72 -20.15 17.78
N LEU A 149 12.53 -19.13 18.05
CA LEU A 149 13.84 -19.02 17.41
C LEU A 149 14.85 -19.97 18.05
N GLY A 150 14.70 -20.28 19.32
CA GLY A 150 15.70 -21.09 19.99
C GLY A 150 17.01 -20.36 20.16
N LYS A 151 18.11 -21.06 19.84
CA LYS A 151 19.45 -20.50 19.95
C LYS A 151 19.65 -19.36 18.97
N ALA A 152 18.89 -19.35 17.88
CA ALA A 152 19.00 -18.24 16.94
C ALA A 152 18.66 -16.92 17.60
N ALA A 153 17.94 -16.95 18.72
CA ALA A 153 17.57 -15.70 19.37
C ALA A 153 18.77 -15.02 20.01
N GLU A 154 19.83 -15.78 20.29
CA GLU A 154 21.02 -15.20 20.89
C GLU A 154 21.59 -14.09 20.02
N ASN A 155 21.30 -14.14 18.73
CA ASN A 155 21.93 -13.28 17.74
C ASN A 155 21.02 -12.16 17.25
N ILE A 156 19.86 -11.98 17.87
CA ILE A 156 18.82 -11.05 17.42
C ILE A 156 18.60 -9.97 18.47
N THR A 157 18.89 -8.71 18.11
CA THR A 157 18.50 -7.53 18.92
C THR A 157 17.12 -7.07 18.44
N LEU A 158 16.13 -7.18 19.31
CA LEU A 158 14.73 -7.09 18.94
C LEU A 158 14.08 -5.86 19.55
N ASN A 159 13.32 -5.13 18.73
CA ASN A 159 12.38 -4.10 19.19
C ASN A 159 10.99 -4.50 18.68
N VAL A 160 9.98 -4.50 19.55
CA VAL A 160 8.61 -4.86 19.20
C VAL A 160 7.68 -3.80 19.78
N ALA A 161 6.78 -3.24 18.99
CA ALA A 161 5.96 -2.15 19.52
C ALA A 161 4.62 -2.08 18.82
N SER A 162 3.60 -1.68 19.57
CA SER A 162 2.30 -1.31 18.99
C SER A 162 2.00 0.13 19.40
N MET A 163 1.29 0.83 18.52
CA MET A 163 1.22 2.28 18.66
C MET A 163 -0.14 2.77 18.18
N THR A 164 -0.58 3.87 18.76
CA THR A 164 -1.74 4.63 18.30
C THR A 164 -1.32 6.09 18.38
N THR A 165 -1.36 6.81 17.26
CA THR A 165 -0.88 8.18 17.26
C THR A 165 -1.98 9.18 17.61
N SER A 166 -3.23 8.81 17.39
CA SER A 166 -4.35 9.67 17.76
C SER A 166 -5.57 8.81 17.99
N LYS A 167 -6.14 8.92 19.19
CA LYS A 167 -7.44 8.29 19.44
C LYS A 167 -8.56 9.12 18.84
N THR A 168 -8.49 10.45 18.97
CA THR A 168 -9.58 11.31 18.55
C THR A 168 -9.72 11.30 17.04
N ALA A 169 -8.59 11.27 16.31
CA ALA A 169 -8.66 11.27 14.86
C ALA A 169 -8.27 9.92 14.27
N PHE A 170 -8.40 8.84 15.02
CA PHE A 170 -8.37 7.48 14.50
C PHE A 170 -7.15 7.28 13.60
N SER A 171 -5.98 7.42 14.20
CA SER A 171 -4.71 7.29 13.46
C SER A 171 -3.77 6.31 14.15
N TRP A 172 -3.19 5.41 13.36
CA TRP A 172 -2.26 4.38 13.79
C TRP A 172 -1.65 3.78 12.53
N ASN A 173 -0.64 2.92 12.71
CA ASN A 173 0.06 2.44 11.53
C ASN A 173 -0.75 1.40 10.76
N HIS A 174 -0.81 1.59 9.45
CA HIS A 174 -1.44 0.70 8.52
C HIS A 174 -0.48 0.27 7.43
N SER A 175 0.73 0.83 7.35
CA SER A 175 1.72 0.37 6.37
C SER A 175 2.11 -1.08 6.63
N LYS A 176 2.42 -1.77 5.53
CA LYS A 176 2.76 -3.20 5.51
C LYS A 176 4.08 -3.26 4.73
N ILE A 177 5.18 -3.31 5.45
CA ILE A 177 6.52 -3.16 4.88
C ILE A 177 7.40 -4.25 5.44
N LEU A 178 8.26 -4.82 4.59
CA LEU A 178 9.41 -5.65 4.99
C LEU A 178 10.65 -5.17 4.26
N VAL A 179 11.61 -4.66 5.02
CA VAL A 179 12.87 -4.14 4.47
C VAL A 179 14.01 -4.93 5.10
N VAL A 180 14.92 -5.47 4.27
CA VAL A 180 16.09 -6.20 4.76
C VAL A 180 17.36 -5.47 4.33
N ASP A 181 18.23 -5.20 5.31
CA ASP A 181 19.53 -4.53 5.11
C ASP A 181 19.38 -3.20 4.38
N GLY A 182 18.21 -2.58 4.50
CA GLY A 182 17.93 -1.37 3.76
C GLY A 182 18.08 -1.48 2.26
N GLN A 183 18.01 -2.70 1.70
CA GLN A 183 18.39 -2.96 0.30
C GLN A 183 17.27 -3.66 -0.48
N SER A 184 16.49 -4.50 0.20
CA SER A 184 15.34 -5.17 -0.42
C SER A 184 14.08 -4.75 0.31
N ALA A 185 12.97 -4.63 -0.44
CA ALA A 185 11.71 -4.22 0.17
C ALA A 185 10.54 -4.95 -0.45
N LEU A 186 9.63 -5.39 0.42
CA LEU A 186 8.29 -5.80 0.02
C LEU A 186 7.27 -4.84 0.61
N THR A 187 6.26 -4.44 -0.16
CA THR A 187 5.16 -3.66 0.43
C THR A 187 3.91 -3.82 -0.43
N GLY A 188 2.79 -3.49 0.15
CA GLY A 188 1.52 -3.63 -0.55
C GLY A 188 0.39 -3.68 0.44
N GLY A 189 -0.65 -4.43 0.09
CA GLY A 189 -1.85 -4.42 0.89
C GLY A 189 -2.03 -5.62 1.79
N ILE A 190 -1.13 -6.60 1.70
CA ILE A 190 -1.31 -7.88 2.41
C ILE A 190 -0.88 -7.74 3.85
N ASN A 191 -1.84 -7.88 4.77
CA ASN A 191 -1.52 -7.69 6.19
C ASN A 191 -1.16 -9.00 6.90
N SER A 192 -1.93 -10.06 6.69
CA SER A 192 -1.62 -11.35 7.27
C SER A 192 -2.35 -12.43 6.48
N TRP A 193 -1.95 -13.68 6.74
CA TRP A 193 -2.54 -14.83 6.04
C TRP A 193 -4.04 -14.93 6.32
N LYS A 194 -4.44 -14.81 7.59
CA LYS A 194 -5.85 -14.96 7.93
C LYS A 194 -6.67 -13.74 7.50
N ASP A 195 -6.10 -12.53 7.61
CA ASP A 195 -6.78 -11.31 7.20
C ASP A 195 -7.28 -11.39 5.76
N ASP A 196 -6.53 -12.08 4.89
CA ASP A 196 -6.94 -12.28 3.51
C ASP A 196 -7.54 -13.66 3.27
N TYR A 197 -7.88 -14.38 4.33
CA TYR A 197 -8.54 -15.68 4.23
C TYR A 197 -7.80 -16.61 3.25
N LEU A 198 -6.48 -16.70 3.41
CA LEU A 198 -5.66 -17.50 2.52
C LEU A 198 -5.55 -18.96 2.96
N ASP A 199 -6.05 -19.28 4.17
CA ASP A 199 -6.19 -20.64 4.66
C ASP A 199 -7.55 -21.24 4.31
N THR A 200 -8.15 -20.75 3.23
CA THR A 200 -9.59 -20.79 3.00
C THR A 200 -9.81 -20.94 1.50
N THR A 201 -11.00 -21.39 1.12
CA THR A 201 -11.34 -21.57 -0.29
C THR A 201 -12.11 -20.39 -0.86
N HIS A 202 -12.35 -19.36 -0.05
CA HIS A 202 -12.71 -18.03 -0.53
C HIS A 202 -11.59 -17.04 -0.15
N PRO A 203 -10.42 -17.14 -0.77
CA PRO A 203 -9.35 -16.18 -0.47
C PRO A 203 -9.68 -14.79 -0.98
N VAL A 204 -9.16 -13.78 -0.29
CA VAL A 204 -9.26 -12.40 -0.73
C VAL A 204 -8.17 -12.12 -1.76
N SER A 205 -8.47 -11.25 -2.73
CA SER A 205 -7.46 -10.86 -3.70
C SER A 205 -6.72 -9.60 -3.24
N ASP A 206 -5.39 -9.63 -3.40
CA ASP A 206 -4.51 -8.60 -2.84
C ASP A 206 -3.23 -8.57 -3.67
N VAL A 207 -2.42 -7.55 -3.42
CA VAL A 207 -1.21 -7.37 -4.20
C VAL A 207 -0.12 -6.68 -3.39
N ASP A 208 1.10 -7.20 -3.53
CA ASP A 208 2.33 -6.60 -3.05
C ASP A 208 3.30 -6.50 -4.22
N LEU A 209 4.36 -5.72 -4.03
CA LEU A 209 5.46 -5.69 -4.97
C LEU A 209 6.75 -5.91 -4.20
N ALA A 210 7.72 -6.52 -4.86
CA ALA A 210 9.08 -6.67 -4.33
C ALA A 210 10.10 -6.00 -5.24
N LEU A 211 11.02 -5.26 -4.62
CA LEU A 211 12.09 -4.61 -5.37
C LEU A 211 13.38 -4.65 -4.54
N THR A 212 14.47 -4.25 -5.19
CA THR A 212 15.73 -3.98 -4.51
C THR A 212 16.24 -2.63 -5.02
N GLY A 213 17.14 -2.04 -4.23
CA GLY A 213 17.83 -0.83 -4.64
C GLY A 213 17.53 0.36 -3.75
N PRO A 214 17.89 1.55 -4.23
CA PRO A 214 17.66 2.78 -3.43
C PRO A 214 16.27 2.97 -2.85
N ALA A 215 15.19 2.63 -3.57
CA ALA A 215 13.83 2.79 -3.04
C ALA A 215 13.57 1.92 -1.81
N ALA A 216 14.33 0.83 -1.63
CA ALA A 216 14.28 0.09 -0.36
C ALA A 216 14.81 0.93 0.80
N GLY A 217 15.83 1.73 0.54
CA GLY A 217 16.30 2.66 1.56
C GLY A 217 15.25 3.68 1.93
N SER A 218 14.46 4.12 0.94
CA SER A 218 13.39 5.07 1.19
C SER A 218 12.40 4.55 2.23
N ALA A 219 12.03 3.27 2.09
CA ALA A 219 11.12 2.61 3.02
C ALA A 219 11.73 2.48 4.40
N GLY A 220 13.05 2.20 4.49
CA GLY A 220 13.70 2.21 5.79
C GLY A 220 13.67 3.59 6.46
N ARG A 221 13.85 4.65 5.66
CA ARG A 221 13.80 6.01 6.23
C ARG A 221 12.40 6.37 6.69
N TYR A 222 11.36 5.90 5.97
CA TYR A 222 9.99 6.07 6.43
C TYR A 222 9.78 5.38 7.78
N LEU A 223 10.30 4.17 7.91
CA LEU A 223 10.14 3.44 9.18
C LEU A 223 10.97 4.11 10.28
N ASP A 224 12.11 4.70 9.94
CA ASP A 224 12.85 5.49 10.92
C ASP A 224 12.00 6.65 11.44
N THR A 225 11.21 7.25 10.56
CA THR A 225 10.33 8.36 10.98
C THR A 225 9.28 7.90 11.97
N LEU A 226 8.70 6.71 11.74
CA LEU A 226 7.71 6.20 12.69
C LEU A 226 8.35 5.77 14.01
N TRP A 227 9.51 5.08 13.95
CA TRP A 227 10.19 4.60 15.16
C TRP A 227 10.79 5.74 15.98
N THR A 228 11.20 6.83 15.34
CA THR A 228 11.64 7.99 16.11
C THR A 228 10.52 8.51 16.99
N TRP A 229 9.31 8.62 16.44
CA TRP A 229 8.16 9.03 17.25
C TRP A 229 7.81 7.97 18.29
N THR A 230 7.81 6.70 17.90
CA THR A 230 7.54 5.59 18.82
C THR A 230 8.49 5.61 20.01
N CYS A 231 9.79 5.74 19.77
CA CYS A 231 10.74 5.75 20.88
C CYS A 231 10.57 6.99 21.75
N GLN A 232 10.25 8.14 21.15
CA GLN A 232 9.98 9.35 21.92
C GLN A 232 8.79 9.15 22.86
N ASN A 233 7.87 8.28 22.49
CA ASN A 233 6.65 8.09 23.26
C ASN A 233 6.59 6.75 23.96
N LYS A 234 7.72 6.07 24.06
CA LYS A 234 7.69 4.70 24.57
C LYS A 234 7.27 4.60 26.02
N SER A 235 7.33 5.69 26.78
CA SER A 235 6.85 5.68 28.15
C SER A 235 5.43 6.20 28.29
N ASN A 236 4.77 6.58 27.21
CA ASN A 236 3.37 6.97 27.27
C ASN A 236 2.46 5.78 26.93
N ILE A 237 1.98 5.09 27.97
CA ILE A 237 1.22 3.85 27.79
C ILE A 237 -0.04 4.01 26.96
N ALA A 238 -0.51 5.23 26.75
CA ALA A 238 -1.69 5.39 25.91
C ALA A 238 -1.34 5.51 24.44
N SER A 239 -0.08 5.79 24.11
CA SER A 239 0.38 5.90 22.72
C SER A 239 1.13 4.66 22.25
N VAL A 240 1.93 4.05 23.12
CA VAL A 240 2.91 3.04 22.70
C VAL A 240 3.00 1.96 23.78
N TRP A 241 3.01 0.70 23.36
CA TRP A 241 3.46 -0.42 24.18
C TRP A 241 4.71 -0.94 23.50
N PHE A 242 5.83 -0.95 24.22
CA PHE A 242 7.14 -1.29 23.65
C PHE A 242 7.83 -2.38 24.44
N ALA A 243 8.49 -3.30 23.75
CA ALA A 243 9.23 -4.36 24.40
C ALA A 243 10.49 -4.65 23.59
N ALA A 244 11.58 -4.97 24.29
CA ALA A 244 12.85 -5.22 23.63
C ALA A 244 13.54 -6.42 24.27
N SER A 245 14.43 -7.04 23.50
CA SER A 245 15.20 -8.17 24.03
C SER A 245 16.38 -7.65 24.85
N GLY A 246 16.88 -8.50 25.74
CA GLY A 246 18.03 -8.15 26.53
C GLY A 246 17.99 -6.75 27.09
N ASN A 247 19.15 -6.10 27.13
CA ASN A 247 19.27 -4.73 27.57
C ASN A 247 19.28 -3.75 26.39
N ALA A 248 18.73 -4.17 25.25
CA ALA A 248 18.69 -3.31 24.07
C ALA A 248 17.86 -2.05 24.33
N GLY A 249 18.24 -0.97 23.68
CA GLY A 249 17.46 0.25 23.70
C GLY A 249 16.34 0.25 22.67
N CYS A 250 15.73 1.41 22.51
CA CYS A 250 14.78 1.66 21.42
C CYS A 250 15.56 2.23 20.24
N MET A 251 15.50 1.54 19.11
CA MET A 251 16.29 1.88 17.93
C MET A 251 15.48 2.82 17.07
N ALA A 252 15.59 4.11 17.39
CA ALA A 252 14.81 5.11 16.66
C ALA A 252 15.22 5.17 15.19
N THR A 253 16.51 5.01 14.91
CA THR A 253 17.05 5.23 13.56
C THR A 253 17.91 4.08 13.11
N MET A 254 17.43 2.88 13.33
CA MET A 254 18.07 1.68 12.80
C MET A 254 18.57 1.91 11.39
N HIS A 255 17.78 2.56 10.55
CA HIS A 255 18.14 2.52 9.15
C HIS A 255 19.23 3.52 8.81
N LYS A 256 19.07 4.77 9.24
CA LYS A 256 20.13 5.75 9.03
C LYS A 256 21.46 5.22 9.53
N ASP A 257 21.43 4.50 10.68
CA ASP A 257 22.65 4.12 11.38
C ASP A 257 23.39 2.97 10.69
N THR A 258 22.68 1.89 10.38
CA THR A 258 23.29 0.64 9.96
C THR A 258 23.41 0.51 8.45
N ASN A 259 22.82 1.42 7.69
CA ASN A 259 22.78 1.34 6.23
C ASN A 259 22.99 2.76 5.73
N PRO A 260 23.81 2.95 4.67
CA PRO A 260 24.11 4.32 4.23
C PRO A 260 22.92 5.05 3.61
N LYS A 261 23.17 6.17 2.93
CA LYS A 261 22.14 6.94 2.22
C LYS A 261 22.35 6.96 0.71
N ALA A 262 23.59 7.20 0.25
CA ALA A 262 23.92 6.89 -1.14
C ALA A 262 23.77 5.39 -1.34
N SER A 263 23.03 5.02 -2.38
CA SER A 263 22.67 3.65 -2.58
C SER A 263 23.01 3.24 -4.00
N PRO A 264 23.70 2.12 -4.18
CA PRO A 264 24.06 1.69 -5.52
C PRO A 264 22.83 1.20 -6.28
N ALA A 265 22.84 1.45 -7.60
CA ALA A 265 21.73 0.99 -8.43
C ALA A 265 21.78 -0.53 -8.61
N THR A 266 20.60 -1.17 -8.56
CA THR A 266 20.44 -2.58 -8.87
C THR A 266 19.76 -2.81 -10.21
N GLY A 267 19.13 -1.80 -10.78
CA GLY A 267 18.41 -1.94 -12.01
C GLY A 267 18.17 -0.58 -12.61
N ASN A 268 17.18 -0.50 -13.51
CA ASN A 268 16.93 0.72 -14.25
C ASN A 268 15.51 1.24 -14.09
N VAL A 269 14.90 0.99 -12.94
CA VAL A 269 13.50 1.34 -12.68
C VAL A 269 13.42 2.58 -11.80
N PRO A 270 12.82 3.67 -12.27
CA PRO A 270 12.59 4.83 -11.40
C PRO A 270 11.33 4.68 -10.54
N VAL A 271 11.41 5.17 -9.29
CA VAL A 271 10.34 4.93 -8.32
C VAL A 271 10.19 6.16 -7.44
N ILE A 272 8.96 6.47 -7.07
CA ILE A 272 8.68 7.43 -6.01
C ILE A 272 8.14 6.60 -4.85
N ALA A 273 8.90 6.57 -3.75
CA ALA A 273 8.37 6.09 -2.48
C ALA A 273 7.53 7.19 -1.85
N VAL A 274 6.36 6.86 -1.34
CA VAL A 274 5.57 7.92 -0.72
C VAL A 274 4.68 7.36 0.38
N GLY A 275 4.64 8.07 1.49
CA GLY A 275 3.85 7.63 2.62
C GLY A 275 3.16 8.81 3.28
N GLY A 276 2.58 8.56 4.44
CA GLY A 276 1.93 9.61 5.21
C GLY A 276 2.10 9.36 6.69
N LEU A 277 2.04 10.45 7.45
CA LEU A 277 2.27 10.40 8.89
C LEU A 277 0.99 10.45 9.69
N GLY A 278 -0.15 10.39 9.01
CA GLY A 278 -1.40 10.34 9.72
C GLY A 278 -1.61 11.60 10.55
N VAL A 279 -2.14 11.39 11.75
CA VAL A 279 -2.41 12.44 12.71
C VAL A 279 -1.72 12.06 14.01
N GLY A 280 -0.89 12.98 14.51
CA GLY A 280 -0.33 12.87 15.86
C GLY A 280 1.14 12.61 15.90
N ILE A 281 1.78 12.45 14.74
CA ILE A 281 3.22 12.32 14.68
C ILE A 281 3.86 13.68 14.43
N LYS A 282 3.42 14.36 13.37
CA LYS A 282 3.92 15.67 13.02
C LYS A 282 2.69 16.48 12.66
N ASP A 283 2.66 17.74 13.11
CA ASP A 283 1.49 18.58 12.89
C ASP A 283 1.50 19.19 11.50
N VAL A 284 2.67 19.55 11.00
CA VAL A 284 2.78 20.27 9.74
C VAL A 284 4.20 20.13 9.23
N ASP A 285 4.37 20.31 7.91
CA ASP A 285 5.69 20.40 7.27
C ASP A 285 6.10 21.88 7.31
N PRO A 286 6.96 22.29 8.24
CA PRO A 286 7.24 23.72 8.39
C PRO A 286 7.84 24.37 7.16
N LYS A 287 8.49 23.61 6.29
CA LYS A 287 9.07 24.17 5.07
C LYS A 287 8.06 24.38 3.96
N SER A 288 6.84 23.90 4.10
CA SER A 288 5.90 23.95 2.99
C SER A 288 5.27 25.33 2.83
N THR A 289 5.12 25.77 1.58
CA THR A 289 4.36 26.98 1.23
C THR A 289 3.04 26.65 0.53
N PHE A 290 2.63 25.39 0.56
CA PHE A 290 1.39 24.97 -0.04
C PHE A 290 0.20 25.72 0.55
N ARG A 291 -0.66 26.23 -0.33
CA ARG A 291 -1.80 27.06 0.07
C ARG A 291 -2.97 26.75 -0.84
N PRO A 292 -3.64 25.60 -0.65
CA PRO A 292 -4.75 25.13 -1.50
C PRO A 292 -6.01 25.98 -1.43
N HIS A 307 -14.58 17.93 11.99
CA HIS A 307 -13.27 18.20 11.39
C HIS A 307 -13.03 17.14 10.29
N ASP A 308 -12.36 17.54 9.22
CA ASP A 308 -12.20 16.68 8.04
C ASP A 308 -10.77 16.84 7.51
N ASN A 309 -9.88 15.96 7.96
CA ASN A 309 -8.51 16.00 7.48
C ASN A 309 -8.37 15.70 5.99
N THR A 310 -9.26 14.88 5.42
CA THR A 310 -9.10 14.48 4.03
C THR A 310 -9.32 15.64 3.08
N ASN A 311 -10.33 16.46 3.36
CA ASN A 311 -10.82 17.47 2.44
C ASN A 311 -10.64 18.89 2.94
N ALA A 312 -10.33 19.11 4.21
CA ALA A 312 -10.36 20.47 4.77
C ALA A 312 -9.30 20.65 5.86
N ASP A 313 -8.08 20.14 5.64
CA ASP A 313 -6.98 20.43 6.57
C ASP A 313 -5.69 20.53 5.78
N ARG A 314 -5.30 21.78 5.46
CA ARG A 314 -4.05 22.00 4.75
C ARG A 314 -2.86 21.35 5.44
N ASP A 315 -2.71 21.58 6.75
CA ASP A 315 -1.55 21.07 7.47
C ASP A 315 -1.47 19.56 7.36
N TYR A 316 -2.63 18.90 7.41
CA TYR A 316 -2.68 17.44 7.29
C TYR A 316 -2.11 16.97 5.95
N ASP A 317 -2.49 17.64 4.85
CA ASP A 317 -1.91 17.26 3.57
C ASP A 317 -0.39 17.31 3.57
N THR A 318 0.20 18.36 4.21
CA THR A 318 1.63 18.56 4.11
C THR A 318 2.40 17.44 4.81
N VAL A 319 1.77 16.74 5.75
CA VAL A 319 2.41 15.61 6.41
C VAL A 319 1.84 14.29 5.93
N ASN A 320 1.00 14.31 4.90
CA ASN A 320 0.46 13.10 4.29
C ASN A 320 0.61 13.18 2.78
N PRO A 321 1.86 13.29 2.31
CA PRO A 321 2.09 13.48 0.88
C PRO A 321 1.47 12.40 -0.03
N GLU A 322 1.22 11.18 0.48
CA GLU A 322 0.63 10.11 -0.35
C GLU A 322 -0.74 10.48 -0.89
N GLU A 323 -1.56 11.23 -0.13
CA GLU A 323 -2.87 11.65 -0.63
C GLU A 323 -2.70 12.50 -1.88
N SER A 324 -1.81 13.50 -1.82
CA SER A 324 -1.53 14.36 -2.98
C SER A 324 -0.89 13.59 -4.12
N ALA A 325 0.01 12.68 -3.79
CA ALA A 325 0.68 11.85 -4.80
C ALA A 325 -0.33 11.05 -5.60
N LEU A 326 -1.29 10.43 -4.92
CA LEU A 326 -2.23 9.59 -5.68
C LEU A 326 -3.13 10.43 -6.57
N ARG A 327 -3.55 11.61 -6.08
CA ARG A 327 -4.34 12.51 -6.92
C ARG A 327 -3.53 13.05 -8.09
N ALA A 328 -2.25 13.30 -7.89
CA ALA A 328 -1.37 13.73 -8.99
C ALA A 328 -1.15 12.63 -10.02
N LEU A 329 -1.08 11.37 -9.57
CA LEU A 329 -0.93 10.27 -10.49
C LEU A 329 -2.13 10.21 -11.42
N VAL A 330 -3.34 10.28 -10.83
CA VAL A 330 -4.57 10.37 -11.62
C VAL A 330 -4.47 11.54 -12.59
N ALA A 331 -4.05 12.72 -12.10
CA ALA A 331 -3.98 13.91 -12.95
C ALA A 331 -2.96 13.78 -14.08
N SER A 332 -1.96 12.92 -13.96
CA SER A 332 -0.93 12.79 -14.96
C SER A 332 -1.37 11.92 -16.13
N ALA A 333 -2.56 11.31 -16.06
CA ALA A 333 -2.96 10.38 -17.12
C ALA A 333 -3.32 11.12 -18.40
N LYS A 334 -2.81 10.64 -19.52
CA LYS A 334 -3.17 11.20 -20.80
C LYS A 334 -4.17 10.36 -21.57
N SER A 335 -4.31 9.08 -21.24
CA SER A 335 -5.12 8.18 -22.05
C SER A 335 -6.10 7.36 -21.20
N HIS A 336 -5.63 6.72 -20.13
CA HIS A 336 -6.53 5.84 -19.39
C HIS A 336 -6.00 5.57 -17.98
N ILE A 337 -6.95 5.25 -17.09
CA ILE A 337 -6.72 5.08 -15.65
C ILE A 337 -7.46 3.83 -15.21
N GLU A 338 -6.78 2.95 -14.47
CA GLU A 338 -7.42 1.81 -13.85
C GLU A 338 -7.21 1.87 -12.34
N ILE A 339 -8.29 1.75 -11.61
CA ILE A 339 -8.29 1.83 -10.15
C ILE A 339 -8.84 0.52 -9.65
N SER A 340 -8.15 -0.13 -8.70
CA SER A 340 -8.66 -1.38 -8.12
C SER A 340 -8.53 -1.25 -6.61
N GLN A 341 -9.66 -1.26 -5.92
CA GLN A 341 -9.68 -0.95 -4.49
C GLN A 341 -10.70 -1.81 -3.78
N GLN A 342 -10.63 -1.76 -2.44
CA GLN A 342 -11.70 -2.28 -1.63
C GLN A 342 -12.95 -1.42 -1.78
N ASP A 343 -12.77 -0.10 -1.73
CA ASP A 343 -13.86 0.83 -1.98
C ASP A 343 -13.25 2.19 -2.29
N LEU A 344 -14.09 3.08 -2.83
CA LEU A 344 -13.70 4.49 -2.92
C LEU A 344 -14.36 5.35 -1.87
N ASN A 345 -15.37 4.83 -1.20
CA ASN A 345 -16.08 5.56 -0.16
C ASN A 345 -15.82 4.92 1.19
N ALA A 346 -15.73 5.78 2.21
CA ALA A 346 -15.48 5.36 3.58
C ALA A 346 -16.80 5.32 4.33
N THR A 347 -16.93 4.37 5.23
CA THR A 347 -18.14 4.22 6.03
C THR A 347 -17.73 4.16 7.51
N CYS A 348 -17.10 5.23 7.98
CA CYS A 348 -16.48 5.24 9.30
C CYS A 348 -16.52 6.65 9.84
N PRO A 349 -17.70 7.14 10.21
CA PRO A 349 -17.77 8.43 10.88
C PRO A 349 -16.82 8.42 12.07
N PRO A 350 -16.16 9.51 12.37
CA PRO A 350 -16.28 10.85 11.79
C PRO A 350 -15.54 11.09 10.47
N LEU A 351 -15.01 10.04 9.85
CA LEU A 351 -14.36 10.20 8.56
C LEU A 351 -15.40 10.63 7.52
N PRO A 352 -15.04 11.55 6.63
CA PRO A 352 -15.95 11.89 5.51
C PRO A 352 -16.20 10.70 4.62
N ARG A 353 -17.20 10.82 3.73
CA ARG A 353 -17.57 9.71 2.86
C ARG A 353 -16.53 9.49 1.77
N TYR A 354 -16.01 10.57 1.20
CA TYR A 354 -15.09 10.43 0.07
C TYR A 354 -14.11 11.60 -0.01
N ASP A 355 -13.03 11.38 -0.78
CA ASP A 355 -12.00 12.38 -1.06
C ASP A 355 -12.51 13.24 -2.23
N ILE A 356 -12.83 14.49 -1.93
CA ILE A 356 -13.46 15.34 -2.93
C ILE A 356 -12.50 15.62 -4.06
N ARG A 357 -11.25 15.98 -3.71
CA ARG A 357 -10.26 16.25 -4.74
C ARG A 357 -10.02 15.04 -5.62
N LEU A 358 -10.14 13.83 -5.06
CA LEU A 358 -9.92 12.66 -5.90
C LEU A 358 -11.02 12.54 -6.95
N TYR A 359 -12.26 12.56 -6.51
CA TYR A 359 -13.39 12.46 -7.45
C TYR A 359 -13.39 13.60 -8.45
N ASP A 360 -12.99 14.81 -8.01
CA ASP A 360 -12.88 15.92 -8.94
C ASP A 360 -11.82 15.67 -10.02
N ALA A 361 -10.70 15.07 -9.63
CA ALA A 361 -9.67 14.75 -10.63
C ALA A 361 -10.13 13.67 -11.59
N LEU A 362 -10.84 12.66 -11.08
CA LEU A 362 -11.43 11.66 -11.97
C LEU A 362 -12.45 12.27 -12.94
N ALA A 363 -13.27 13.19 -12.45
CA ALA A 363 -14.27 13.85 -13.30
C ALA A 363 -13.59 14.69 -14.39
N ALA A 364 -12.56 15.45 -14.03
CA ALA A 364 -11.87 16.27 -15.01
C ALA A 364 -11.26 15.41 -16.12
N LYS A 365 -10.75 14.24 -15.76
CA LYS A 365 -10.17 13.34 -16.76
C LYS A 365 -11.25 12.86 -17.73
N MET A 366 -12.41 12.45 -17.21
CA MET A 366 -13.51 11.98 -18.04
C MET A 366 -14.04 13.12 -18.91
N ALA A 367 -14.06 14.34 -18.38
CA ALA A 367 -14.46 15.48 -19.20
C ALA A 367 -13.48 15.77 -20.33
N ALA A 368 -12.23 15.33 -20.22
CA ALA A 368 -11.26 15.41 -21.32
C ALA A 368 -11.23 14.18 -22.21
N GLY A 369 -11.98 13.13 -21.87
CA GLY A 369 -12.05 11.94 -22.70
C GLY A 369 -11.09 10.87 -22.28
N VAL A 370 -10.43 11.04 -21.12
CA VAL A 370 -9.57 10.00 -20.55
C VAL A 370 -10.46 8.94 -19.94
N LYS A 371 -10.14 7.66 -20.22
CA LYS A 371 -10.98 6.57 -19.74
C LYS A 371 -10.64 6.24 -18.28
N VAL A 372 -11.65 5.92 -17.51
CA VAL A 372 -11.51 5.60 -16.10
C VAL A 372 -12.21 4.27 -15.85
N ARG A 373 -11.48 3.33 -15.26
CA ARG A 373 -11.99 2.04 -14.80
C ARG A 373 -11.87 1.98 -13.29
N ILE A 374 -12.96 1.64 -12.62
CA ILE A 374 -13.01 1.47 -11.19
C ILE A 374 -13.58 0.11 -10.89
N VAL A 375 -12.82 -0.75 -10.20
CA VAL A 375 -13.30 -2.05 -9.74
C VAL A 375 -13.16 -2.05 -8.22
N VAL A 376 -14.26 -2.26 -7.51
CA VAL A 376 -14.25 -2.31 -6.06
C VAL A 376 -14.75 -3.66 -5.58
N SER A 377 -14.50 -3.92 -4.31
CA SER A 377 -14.86 -5.19 -3.68
C SER A 377 -16.36 -5.29 -3.49
N ASP A 378 -16.87 -6.52 -3.54
CA ASP A 378 -18.31 -6.78 -3.50
C ASP A 378 -18.91 -6.20 -2.22
N PRO A 379 -20.00 -5.43 -2.30
CA PRO A 379 -20.54 -4.81 -1.08
C PRO A 379 -20.93 -5.83 -0.02
N ALA A 380 -21.25 -7.07 -0.41
CA ALA A 380 -21.61 -8.09 0.56
C ALA A 380 -20.52 -8.28 1.61
N ASN A 381 -19.27 -8.37 1.18
CA ASN A 381 -18.14 -8.57 2.08
C ASN A 381 -18.12 -7.56 3.24
N LYS A 394 -26.74 0.68 -3.82
CA LYS A 394 -25.61 -0.15 -4.24
C LYS A 394 -24.31 0.54 -3.93
N SER A 395 -23.28 -0.24 -3.58
CA SER A 395 -21.96 0.34 -3.51
C SER A 395 -21.63 1.08 -4.80
N LEU A 396 -22.00 0.48 -5.94
CA LEU A 396 -21.67 1.09 -7.22
C LEU A 396 -22.47 2.35 -7.45
N SER A 397 -23.76 2.35 -7.09
CA SER A 397 -24.58 3.53 -7.29
C SER A 397 -23.99 4.75 -6.60
N GLU A 398 -23.46 4.54 -5.41
CA GLU A 398 -22.89 5.66 -4.68
C GLU A 398 -21.70 6.25 -5.43
N ILE A 399 -20.83 5.40 -5.98
CA ILE A 399 -19.68 5.90 -6.72
C ILE A 399 -20.12 6.66 -7.95
N SER A 400 -21.05 6.07 -8.75
CA SER A 400 -21.37 6.73 -10.01
C SER A 400 -22.20 8.00 -9.79
N ASP A 401 -23.05 8.04 -8.75
CA ASP A 401 -23.76 9.28 -8.45
C ASP A 401 -22.80 10.41 -8.10
N THR A 402 -21.79 10.12 -7.28
CA THR A 402 -20.85 11.16 -6.87
C THR A 402 -20.02 11.63 -8.06
N LEU A 403 -19.51 10.69 -8.85
CA LEU A 403 -18.79 11.08 -10.06
C LEU A 403 -19.67 11.94 -10.96
N ARG A 404 -20.94 11.52 -11.15
CA ARG A 404 -21.90 12.29 -11.95
C ARG A 404 -22.08 13.70 -11.39
N ASN A 405 -22.26 13.81 -10.08
CA ASN A 405 -22.43 15.13 -9.48
C ASN A 405 -21.22 16.01 -9.66
N ARG A 406 -20.01 15.45 -9.47
CA ARG A 406 -18.83 16.27 -9.67
C ARG A 406 -18.68 16.69 -11.12
N LEU A 407 -19.01 15.79 -12.06
CA LEU A 407 -19.00 16.13 -13.48
C LEU A 407 -20.03 17.21 -13.82
N ALA A 408 -21.19 17.19 -13.16
CA ALA A 408 -22.19 18.24 -13.41
C ALA A 408 -21.66 19.62 -13.02
N ASN A 409 -20.94 19.72 -11.90
CA ASN A 409 -20.29 20.97 -11.56
C ASN A 409 -19.35 21.45 -12.67
N ILE A 410 -18.73 20.51 -13.39
CA ILE A 410 -17.78 20.85 -14.43
C ILE A 410 -18.46 21.15 -15.76
N THR A 411 -19.39 20.27 -16.19
CA THR A 411 -20.00 20.35 -17.50
C THR A 411 -21.28 21.21 -17.53
N GLY A 412 -21.81 21.59 -16.37
CA GLY A 412 -22.91 22.52 -16.31
C GLY A 412 -24.29 21.91 -16.30
N SER A 413 -24.43 20.62 -16.58
CA SER A 413 -25.74 20.01 -16.47
C SER A 413 -25.62 18.54 -16.13
N GLN A 414 -26.74 17.99 -15.67
CA GLN A 414 -26.79 16.54 -15.46
C GLN A 414 -26.75 15.78 -16.78
N GLN A 415 -27.33 16.31 -17.86
CA GLN A 415 -27.30 15.56 -19.12
C GLN A 415 -25.89 15.54 -19.71
N ALA A 416 -25.15 16.64 -19.59
CA ALA A 416 -23.78 16.64 -20.10
C ALA A 416 -22.87 15.80 -19.23
N ALA A 417 -23.17 15.68 -17.94
CA ALA A 417 -22.35 14.84 -17.07
C ALA A 417 -22.54 13.38 -17.41
N LYS A 418 -23.78 12.96 -17.68
CA LYS A 418 -24.08 11.58 -18.08
C LYS A 418 -23.37 11.24 -19.38
N THR A 419 -23.33 12.18 -20.32
CA THR A 419 -22.62 11.93 -21.55
C THR A 419 -21.12 11.69 -21.29
N ALA A 420 -20.52 12.54 -20.47
CA ALA A 420 -19.09 12.41 -20.15
C ALA A 420 -18.82 11.13 -19.39
N MET A 421 -19.69 10.79 -18.43
CA MET A 421 -19.49 9.59 -17.62
C MET A 421 -19.77 8.32 -18.40
N CYS A 422 -20.92 8.23 -19.06
CA CYS A 422 -21.26 7.01 -19.76
C CYS A 422 -20.28 6.73 -20.87
N SER A 423 -19.69 7.78 -21.44
CA SER A 423 -18.81 7.57 -22.59
C SER A 423 -17.38 7.23 -22.17
N ASN A 424 -17.06 7.35 -20.86
CA ASN A 424 -15.67 7.22 -20.44
C ASN A 424 -15.43 6.40 -19.18
N LEU A 425 -16.47 5.84 -18.55
CA LEU A 425 -16.35 5.06 -17.33
C LEU A 425 -16.62 3.58 -17.50
N GLN A 426 -15.81 2.78 -16.80
CA GLN A 426 -16.07 1.36 -16.48
C GLN A 426 -16.12 1.28 -14.95
N LEU A 427 -17.23 0.75 -14.40
CA LEU A 427 -17.48 0.68 -12.96
C LEU A 427 -18.11 -0.66 -12.63
N ALA A 428 -17.45 -1.43 -11.76
CA ALA A 428 -17.88 -2.81 -11.52
C ALA A 428 -17.39 -3.28 -10.15
N THR A 429 -17.96 -4.38 -9.70
CA THR A 429 -17.41 -5.08 -8.54
C THR A 429 -16.59 -6.30 -8.97
N PHE A 430 -15.68 -6.70 -8.08
CA PHE A 430 -14.63 -7.63 -8.45
C PHE A 430 -15.10 -9.08 -8.45
N ARG A 431 -14.64 -9.81 -9.46
CA ARG A 431 -14.84 -11.24 -9.65
C ARG A 431 -13.54 -11.82 -10.20
N SER A 432 -13.18 -13.06 -9.79
CA SER A 432 -12.01 -13.75 -10.31
C SER A 432 -12.33 -15.02 -11.11
N SER A 433 -13.60 -15.28 -11.40
CA SER A 433 -14.01 -16.40 -12.25
C SER A 433 -15.40 -16.09 -12.79
N PRO A 434 -15.88 -16.86 -13.76
CA PRO A 434 -17.22 -16.58 -14.33
C PRO A 434 -18.35 -16.73 -13.32
N ASN A 435 -18.10 -17.35 -12.17
CA ASN A 435 -19.11 -17.53 -11.13
C ASN A 435 -19.36 -16.21 -10.40
N ASP A 436 -20.60 -16.01 -9.95
CA ASP A 436 -20.92 -14.75 -9.26
C ASP A 436 -20.36 -14.71 -7.84
N LYS A 437 -20.09 -15.86 -7.24
CA LYS A 437 -19.45 -15.98 -5.93
C LYS A 437 -18.40 -17.08 -6.06
N TRP A 438 -17.56 -17.23 -5.05
CA TRP A 438 -16.69 -18.40 -5.00
C TRP A 438 -17.54 -19.67 -5.00
N ALA A 439 -16.92 -20.80 -5.35
CA ALA A 439 -17.64 -22.06 -5.35
C ALA A 439 -18.23 -22.38 -3.96
N ASP A 440 -17.61 -21.90 -2.88
CA ASP A 440 -18.04 -22.25 -1.53
C ASP A 440 -19.15 -21.34 -0.99
N GLY A 441 -19.69 -20.44 -1.80
CA GLY A 441 -20.83 -19.62 -1.43
C GLY A 441 -20.49 -18.22 -0.97
N HIS A 442 -19.26 -17.98 -0.49
CA HIS A 442 -18.94 -16.65 -0.01
C HIS A 442 -18.63 -15.72 -1.18
N PRO A 443 -18.92 -14.43 -1.03
CA PRO A 443 -18.61 -13.47 -2.09
C PRO A 443 -17.10 -13.31 -2.28
N TYR A 444 -16.74 -12.87 -3.49
CA TYR A 444 -15.38 -12.39 -3.73
C TYR A 444 -15.13 -11.12 -2.92
N ALA A 445 -13.91 -11.00 -2.38
CA ALA A 445 -13.46 -9.77 -1.74
C ALA A 445 -12.08 -9.41 -2.27
N GLN A 446 -11.78 -8.11 -2.33
CA GLN A 446 -10.48 -7.63 -2.76
C GLN A 446 -10.02 -6.50 -1.84
N HIS A 447 -8.70 -6.46 -1.62
CA HIS A 447 -8.06 -5.49 -0.74
C HIS A 447 -6.94 -4.70 -1.44
N HIS A 448 -6.88 -4.75 -2.78
CA HIS A 448 -5.87 -4.01 -3.51
C HIS A 448 -5.91 -2.54 -3.13
N LYS A 449 -4.74 -1.90 -3.11
CA LYS A 449 -4.59 -0.45 -3.18
C LYS A 449 -3.80 -0.14 -4.43
N LEU A 450 -4.45 -0.27 -5.58
CA LEU A 450 -3.76 -0.27 -6.87
C LEU A 450 -4.31 0.84 -7.74
N VAL A 451 -3.41 1.57 -8.39
CA VAL A 451 -3.76 2.56 -9.39
C VAL A 451 -2.77 2.43 -10.53
N SER A 452 -3.25 2.42 -11.77
CA SER A 452 -2.36 2.38 -12.93
C SER A 452 -2.84 3.37 -13.99
N VAL A 453 -1.88 4.06 -14.64
CA VAL A 453 -2.22 5.03 -15.68
C VAL A 453 -1.39 4.78 -16.94
N ASP A 454 -2.07 4.88 -18.08
CA ASP A 454 -1.46 4.89 -19.38
C ASP A 454 -0.61 3.65 -19.66
N SER A 455 -0.94 2.52 -19.05
CA SER A 455 -0.09 1.34 -19.10
C SER A 455 1.39 1.74 -18.97
N SER A 456 1.65 2.59 -17.99
CA SER A 456 3.00 3.15 -17.84
C SER A 456 3.45 3.25 -16.38
N THR A 457 2.64 3.84 -15.52
CA THR A 457 3.03 4.21 -14.16
C THR A 457 1.94 3.74 -13.21
N PHE A 458 2.33 3.04 -12.13
CA PHE A 458 1.35 2.50 -11.21
C PHE A 458 1.78 2.66 -9.76
N TYR A 459 0.80 2.66 -8.86
CA TYR A 459 1.00 2.64 -7.43
C TYR A 459 0.62 1.28 -6.87
N ILE A 460 1.49 0.71 -6.06
CA ILE A 460 1.16 -0.43 -5.19
C ILE A 460 1.63 -0.11 -3.77
N GLY A 461 0.70 -0.24 -2.83
CA GLY A 461 1.01 0.07 -1.44
C GLY A 461 -0.15 -0.23 -0.52
N SER A 462 -0.15 0.42 0.61
CA SER A 462 -1.16 0.16 1.63
C SER A 462 -2.21 1.24 1.73
N LYS A 463 -2.05 2.36 1.02
CA LYS A 463 -2.94 3.51 1.14
C LYS A 463 -4.20 3.28 0.30
N ASN A 464 -5.32 3.13 0.97
CA ASN A 464 -6.60 3.05 0.32
C ASN A 464 -7.01 4.40 -0.27
N LEU A 465 -7.81 4.39 -1.36
CA LEU A 465 -8.29 5.67 -1.88
C LEU A 465 -9.49 6.21 -1.11
N TYR A 466 -10.19 5.40 -0.31
CA TYR A 466 -11.24 5.99 0.53
C TYR A 466 -10.61 6.71 1.74
N PRO A 467 -11.32 7.69 2.29
CA PRO A 467 -10.74 8.47 3.39
C PRO A 467 -10.23 7.60 4.54
N SER A 468 -9.01 7.87 4.96
CA SER A 468 -8.39 7.16 6.08
C SER A 468 -7.25 8.04 6.55
N TRP A 469 -7.07 8.13 7.88
CA TRP A 469 -6.10 9.05 8.45
C TRP A 469 -4.94 8.33 9.12
N LEU A 470 -4.57 7.18 8.58
CA LEU A 470 -3.53 6.30 9.12
C LEU A 470 -2.16 6.61 8.52
N GLN A 471 -1.13 6.05 9.14
CA GLN A 471 0.20 6.03 8.54
C GLN A 471 0.16 4.96 7.44
N ASP A 472 0.53 5.32 6.22
CA ASP A 472 0.57 4.36 5.12
C ASP A 472 1.79 4.62 4.25
N PHE A 473 2.01 3.72 3.29
CA PHE A 473 3.22 3.75 2.46
C PHE A 473 3.03 2.90 1.19
N GLY A 474 3.69 3.32 0.13
CA GLY A 474 3.68 2.54 -1.09
C GLY A 474 4.66 3.09 -2.10
N TYR A 475 4.72 2.43 -3.26
CA TYR A 475 5.64 2.82 -4.32
C TYR A 475 4.87 3.21 -5.57
N ILE A 476 5.27 4.31 -6.19
CA ILE A 476 4.82 4.65 -7.55
C ILE A 476 5.97 4.35 -8.52
N VAL A 477 5.70 3.46 -9.49
CA VAL A 477 6.68 2.92 -10.43
C VAL A 477 6.33 3.37 -11.84
N GLU A 478 7.30 4.00 -12.56
CA GLU A 478 7.10 4.28 -13.99
C GLU A 478 7.96 3.31 -14.81
N SER A 479 7.32 2.34 -15.44
CA SER A 479 7.99 1.40 -16.33
C SER A 479 6.95 0.78 -17.25
N PRO A 480 6.88 1.18 -18.53
CA PRO A 480 5.92 0.53 -19.45
C PRO A 480 6.03 -0.99 -19.49
N GLU A 481 7.24 -1.57 -19.47
CA GLU A 481 7.34 -3.04 -19.48
C GLU A 481 6.69 -3.65 -18.25
N ALA A 482 6.95 -3.11 -17.07
CA ALA A 482 6.32 -3.65 -15.87
C ALA A 482 4.81 -3.38 -15.86
N ALA A 483 4.42 -2.21 -16.35
CA ALA A 483 2.99 -1.91 -16.35
C ALA A 483 2.23 -2.85 -17.28
N LYS A 484 2.85 -3.23 -18.39
CA LYS A 484 2.20 -4.19 -19.30
C LYS A 484 2.10 -5.58 -18.67
N GLN A 485 3.09 -5.97 -17.87
CA GLN A 485 2.97 -7.21 -17.08
C GLN A 485 1.85 -7.11 -16.05
N LEU A 486 1.71 -5.96 -15.40
CA LEU A 486 0.59 -5.76 -14.48
C LEU A 486 -0.75 -5.91 -15.19
N ASP A 487 -0.85 -5.35 -16.40
CA ASP A 487 -2.05 -5.54 -17.23
C ASP A 487 -2.29 -7.01 -17.52
N ALA A 488 -1.28 -7.70 -18.06
CA ALA A 488 -1.47 -9.08 -18.47
C ALA A 488 -1.74 -9.99 -17.28
N LYS A 489 -1.11 -9.73 -16.14
CA LYS A 489 -1.20 -10.67 -15.02
C LYS A 489 -2.31 -10.32 -14.05
N LEU A 490 -2.80 -9.08 -14.09
CA LEU A 490 -3.75 -8.69 -13.06
C LEU A 490 -4.94 -7.96 -13.64
N LEU A 491 -4.70 -6.81 -14.26
CA LEU A 491 -5.81 -5.94 -14.60
C LEU A 491 -6.64 -6.51 -15.74
N ASP A 492 -5.98 -7.12 -16.73
CA ASP A 492 -6.72 -7.72 -17.83
C ASP A 492 -7.64 -8.82 -17.34
N PRO A 493 -7.13 -9.90 -16.69
CA PRO A 493 -8.06 -10.91 -16.14
C PRO A 493 -9.06 -10.33 -15.20
N GLN A 494 -8.65 -9.40 -14.33
CA GLN A 494 -9.62 -8.78 -13.44
C GLN A 494 -10.85 -8.31 -14.21
N TRP A 495 -10.64 -7.55 -15.29
CA TRP A 495 -11.77 -6.97 -16.02
C TRP A 495 -12.52 -8.06 -16.78
N LYS A 496 -11.81 -9.05 -17.31
CA LYS A 496 -12.46 -10.14 -18.03
C LYS A 496 -13.62 -10.71 -17.21
N TYR A 497 -13.44 -10.89 -15.90
CA TYR A 497 -14.46 -11.51 -15.06
C TYR A 497 -15.32 -10.51 -14.30
N SER A 498 -14.78 -9.34 -13.98
CA SER A 498 -15.55 -8.35 -13.22
C SER A 498 -16.55 -7.60 -14.10
N GLN A 499 -16.31 -7.51 -15.42
CA GLN A 499 -17.19 -6.72 -16.28
C GLN A 499 -18.63 -7.22 -16.28
N GLU A 500 -18.85 -8.48 -15.90
CA GLU A 500 -20.20 -9.00 -15.81
C GLU A 500 -21.04 -8.26 -14.78
N THR A 501 -20.41 -7.58 -13.82
CA THR A 501 -21.13 -6.83 -12.81
C THR A 501 -21.24 -5.35 -13.11
N ALA A 502 -20.76 -4.91 -14.27
CA ALA A 502 -20.59 -3.47 -14.46
C ALA A 502 -21.92 -2.75 -14.54
N THR A 503 -22.05 -1.65 -13.78
CA THR A 503 -23.20 -0.76 -13.94
C THR A 503 -22.97 0.33 -14.98
N VAL A 504 -21.71 0.63 -15.27
CA VAL A 504 -21.33 1.50 -16.38
C VAL A 504 -20.15 0.87 -17.10
N ASP A 505 -20.21 0.88 -18.43
CA ASP A 505 -19.14 0.29 -19.23
C ASP A 505 -19.27 0.89 -20.62
N TYR A 506 -18.55 1.99 -20.85
CA TYR A 506 -18.54 2.64 -22.16
C TYR A 506 -18.17 1.70 -23.30
N ALA A 507 -17.40 0.64 -23.05
CA ALA A 507 -17.01 -0.23 -24.16
C ALA A 507 -18.15 -1.11 -24.67
N ARG A 508 -19.27 -1.21 -23.94
CA ARG A 508 -20.45 -1.98 -24.38
C ARG A 508 -21.74 -1.17 -24.25
N GLY A 509 -21.62 0.15 -24.10
CA GLY A 509 -22.76 1.02 -24.07
C GLY A 509 -23.66 0.83 -22.88
N ILE A 510 -23.13 0.29 -21.79
CA ILE A 510 -23.91 0.10 -20.58
C ILE A 510 -23.82 1.35 -19.71
N CYS A 511 -24.98 1.87 -19.31
CA CYS A 511 -25.02 3.01 -18.40
C CYS A 511 -26.39 2.98 -17.72
N ASN A 512 -26.45 2.29 -16.59
CA ASN A 512 -27.68 2.04 -15.85
C ASN A 512 -27.80 3.04 -14.72
P PO4 B . -7.71 -3.54 4.14
O1 PO4 B . -8.28 -3.52 2.73
O2 PO4 B . -8.80 -4.01 5.08
O3 PO4 B . -6.53 -4.51 4.19
O4 PO4 B . -7.22 -2.14 4.53
#